data_8TIV
#
_entry.id   8TIV
#
_cell.length_a   72.463
_cell.length_b   133.183
_cell.length_c   133.626
_cell.angle_alpha   90.000
_cell.angle_beta   90.000
_cell.angle_gamma   90.000
#
_symmetry.space_group_name_H-M   'I 2 2 2'
#
loop_
_entity.id
_entity.type
_entity.pdbx_description
1 polymer "DNA (5'-D(A*CP*CP*CP*GP*GP*AP*CP*CP*TP*GP*TP*GP*AP*CP*AP*AP*AP*TP*TP*GP*CP*CP*CP*TP*CP*AP*GP*AP*CP*GP*G)-3')|"
2 polymer "DNA (5'-D(A*CP*CP*GP*TP*CP*TP*GP*AP*GP*GP*GP*CP*AP*AP*TP*TP*TP*GP*TP*CP*AP*CP*AP*GP*GP*TP*CP*CP*GP*GP*G)-3')"
3 polymer 'Replication initiation protein'
4 non-polymer 'MAGNESIUM ION'
#
loop_
_entity_poly.entity_id
_entity_poly.type
_entity_poly.pdbx_seq_one_letter_code
_entity_poly.pdbx_strand_id
1 'polydeoxyribonucleotide'
;(DA)(DC)(DC)(DC)(DG)(DG)(DA)(DC)(DC)(DT)(DG)(DT)(DG)(DA)(DC)(DA)(DA)(DA)(DT)(DT)
(DG)(DC)(DC)(DC)(DT)(DC)(DA)(DG)(DA)(DC)(DG)(DG)
;
A
2 'polydeoxyribonucleotide'
;(DA)(DC)(DC)(DG)(DT)(DC)(DT)(DG)(DA)(DG)(DG)(DG)(DC)(DA)(DA)(DT)(DT)(DT)(DG)(DT)
(DC)(DA)(DC)(DA)(DG)(DG)(DT)(DC)(DC)(DG)(DG)(DG)
;
B
3 'polypeptide(L)'
;MRGSHHHHHHGSMAETAVINHKKRKNSPRIVQSNDLTEAAYSLSRDQKRMLYLFVDQIRKSDGTLQEHDGICEIHVAKYA
EIFGLTSAEASKDIRQALKSFAGKEVVFYRPEEDAGDEKGYESFPWFIKPAHSPSRGLYSVHINPYLIPFFIGLQNRFTQ
FRLSETKEITNPYAMRLYESLCQYRKPDGSGIVSLKIDWIIERYQLPQSYQRMPDFRRRFLQVCVNEINSRTPMRLSYIE
KKKGRQTTHIVFSFRDITSMTTG
;
C
#
loop_
_chem_comp.id
_chem_comp.type
_chem_comp.name
_chem_comp.formula
DA DNA linking 2'-DEOXYADENOSINE-5'-MONOPHOSPHATE 'C10 H14 N5 O6 P'
DC DNA linking 2'-DEOXYCYTIDINE-5'-MONOPHOSPHATE 'C9 H14 N3 O7 P'
DG DNA linking 2'-DEOXYGUANOSINE-5'-MONOPHOSPHATE 'C10 H14 N5 O7 P'
DT DNA linking THYMIDINE-5'-MONOPHOSPHATE 'C10 H15 N2 O8 P'
MG non-polymer 'MAGNESIUM ION' 'Mg 2'
#
# COMPACT_ATOMS: atom_id res chain seq x y z
N SER C 27 4.72 -9.79 15.04
CA SER C 27 5.33 -8.72 14.26
C SER C 27 4.47 -7.45 14.35
N PRO C 28 5.01 -6.28 13.97
CA PRO C 28 4.29 -5.02 14.20
C PRO C 28 2.93 -5.02 13.52
N ARG C 29 1.91 -4.59 14.26
CA ARG C 29 0.55 -4.52 13.76
C ARG C 29 0.26 -3.13 13.20
N ILE C 30 0.20 -3.04 11.87
CA ILE C 30 -0.16 -1.81 11.19
C ILE C 30 -1.66 -1.55 11.31
N VAL C 31 -2.03 -0.32 11.67
CA VAL C 31 -3.41 0.14 11.58
C VAL C 31 -3.41 1.50 10.90
N GLN C 32 -4.48 1.78 10.16
CA GLN C 32 -4.61 3.05 9.45
C GLN C 32 -6.08 3.34 9.25
N SER C 33 -6.41 4.64 9.24
CA SER C 33 -7.76 5.05 8.89
C SER C 33 -8.13 4.58 7.48
N ASN C 34 -9.38 4.14 7.33
CA ASN C 34 -9.88 3.77 6.01
C ASN C 34 -9.71 4.90 5.00
N ASP C 35 -9.68 6.16 5.46
CA ASP C 35 -9.52 7.27 4.52
C ASP C 35 -8.20 7.17 3.77
N LEU C 36 -7.17 6.60 4.41
CA LEU C 36 -5.90 6.38 3.74
C LEU C 36 -5.92 5.16 2.83
N THR C 37 -6.57 4.08 3.28
CA THR C 37 -6.67 2.87 2.46
C THR C 37 -7.32 3.17 1.11
N GLU C 38 -8.28 4.09 1.09
CA GLU C 38 -9.06 4.40 -0.10
C GLU C 38 -8.61 5.71 -0.75
N ALA C 39 -7.49 6.26 -0.30
CA ALA C 39 -6.95 7.50 -0.86
C ALA C 39 -6.32 7.20 -2.22
N ALA C 40 -6.17 8.25 -3.02
CA ALA C 40 -5.50 8.15 -4.31
C ALA C 40 -4.05 8.59 -4.22
N TYR C 41 -3.14 7.68 -4.57
CA TYR C 41 -1.71 7.98 -4.57
C TYR C 41 -0.97 6.91 -5.35
N SER C 42 0.29 7.20 -5.68
CA SER C 42 1.18 6.30 -6.40
C SER C 42 2.50 6.19 -5.66
N LEU C 43 2.73 5.06 -4.99
CA LEU C 43 3.99 4.85 -4.29
C LEU C 43 4.60 3.52 -4.73
N SER C 44 5.94 3.48 -4.70
CA SER C 44 6.65 2.25 -5.00
C SER C 44 6.57 1.30 -3.79
N ARG C 45 7.01 0.07 -4.01
CA ARG C 45 7.09 -0.88 -2.91
C ARG C 45 7.96 -0.35 -1.78
N ASP C 46 9.18 0.07 -2.12
CA ASP C 46 10.11 0.56 -1.10
C ASP C 46 9.54 1.76 -0.37
N GLN C 47 8.89 2.67 -1.11
CA GLN C 47 8.29 3.83 -0.45
C GLN C 47 7.15 3.39 0.46
N LYS C 48 6.32 2.47 -0.01
CA LYS C 48 5.23 1.97 0.82
C LYS C 48 5.77 1.21 2.02
N ARG C 49 6.88 0.48 1.84
CA ARG C 49 7.52 -0.22 2.94
C ARG C 49 7.93 0.75 4.04
N MET C 50 8.65 1.80 3.64
CA MET C 50 9.00 2.87 4.56
C MET C 50 7.75 3.49 5.20
N LEU C 51 6.70 3.68 4.40
CA LEU C 51 5.49 4.31 4.91
C LEU C 51 4.89 3.54 6.06
N TYR C 52 5.03 2.21 6.06
CA TYR C 52 4.49 1.41 7.16
C TYR C 52 5.20 1.74 8.47
N LEU C 53 6.50 2.01 8.42
CA LEU C 53 7.24 2.31 9.63
C LEU C 53 6.88 3.68 10.17
N PHE C 54 6.67 4.65 9.26
CA PHE C 54 6.21 5.97 9.68
C PHE C 54 4.90 5.86 10.44
N VAL C 55 3.92 5.17 9.86
CA VAL C 55 2.63 4.97 10.52
C VAL C 55 2.81 4.26 11.86
N ASP C 56 3.72 3.29 11.93
CA ASP C 56 3.98 2.64 13.21
C ASP C 56 4.61 3.61 14.19
N GLN C 57 5.59 4.39 13.73
CA GLN C 57 6.26 5.33 14.62
C GLN C 57 5.31 6.40 15.11
N ILE C 58 4.66 7.10 14.16
CA ILE C 58 3.69 8.14 14.50
C ILE C 58 2.63 7.63 15.47
N ARG C 59 2.02 6.48 15.15
CA ARG C 59 0.90 6.00 15.96
C ARG C 59 1.30 5.67 17.39
N LYS C 60 2.54 5.22 17.59
CA LYS C 60 3.01 4.86 18.92
C LYS C 60 3.49 6.16 19.56
N SER C 61 2.52 6.96 19.99
CA SER C 61 2.76 8.23 20.66
C SER C 61 1.50 8.70 21.39
N ASP C 69 4.28 15.48 16.36
CA ASP C 69 4.93 16.60 15.68
C ASP C 69 5.28 16.28 14.21
N GLY C 70 5.34 14.99 13.88
CA GLY C 70 5.55 14.51 12.53
C GLY C 70 6.98 14.16 12.12
N ILE C 71 7.96 14.30 13.00
CA ILE C 71 9.34 13.98 12.66
C ILE C 71 9.62 12.52 12.99
N CYS C 72 9.95 11.74 11.97
CA CYS C 72 10.27 10.33 12.14
C CYS C 72 11.73 10.08 11.76
N GLU C 73 12.17 8.83 11.98
CA GLU C 73 13.56 8.45 11.79
C GLU C 73 13.62 7.01 11.32
N ILE C 74 14.64 6.71 10.49
CA ILE C 74 14.87 5.37 9.98
C ILE C 74 16.34 5.01 10.11
N HIS C 75 16.61 3.85 10.67
CA HIS C 75 17.96 3.29 10.79
C HIS C 75 18.14 2.25 9.69
N VAL C 76 19.22 2.38 8.94
CA VAL C 76 19.54 1.45 7.86
C VAL C 76 19.51 0.01 8.38
N ALA C 77 20.26 -0.25 9.46
CA ALA C 77 20.44 -1.62 9.93
C ALA C 77 19.14 -2.24 10.43
N LYS C 78 18.23 -1.44 10.98
CA LYS C 78 16.93 -1.98 11.39
C LYS C 78 16.08 -2.37 10.20
N TYR C 79 16.02 -1.49 9.18
CA TYR C 79 15.29 -1.80 7.95
C TYR C 79 15.78 -3.10 7.32
N ALA C 80 17.10 -3.29 7.26
CA ALA C 80 17.67 -4.48 6.64
C ALA C 80 17.20 -5.76 7.32
N GLU C 81 17.17 -5.78 8.65
CA GLU C 81 16.76 -6.98 9.37
C GLU C 81 15.28 -7.30 9.17
N ILE C 82 14.42 -6.27 9.11
CA ILE C 82 12.99 -6.51 8.98
C ILE C 82 12.66 -7.22 7.67
N PHE C 83 13.22 -6.76 6.55
CA PHE C 83 12.85 -7.29 5.24
C PHE C 83 13.90 -8.23 4.64
N GLY C 84 14.82 -8.73 5.47
CA GLY C 84 15.86 -9.63 5.01
C GLY C 84 16.67 -9.18 3.81
N LEU C 85 17.16 -7.94 3.86
CA LEU C 85 18.04 -7.39 2.84
C LEU C 85 19.42 -7.19 3.43
N THR C 86 20.41 -7.05 2.55
CA THR C 86 21.70 -6.58 3.01
C THR C 86 21.63 -5.09 3.33
N SER C 87 22.65 -4.63 4.07
CA SER C 87 22.74 -3.20 4.39
C SER C 87 22.88 -2.37 3.12
N ALA C 88 23.69 -2.82 2.17
CA ALA C 88 23.86 -2.10 0.91
C ALA C 88 22.55 -1.91 0.18
N GLU C 89 21.81 -2.99 -0.06
CA GLU C 89 20.57 -2.85 -0.83
C GLU C 89 19.52 -2.10 -0.03
N ALA C 90 19.51 -2.26 1.30
CA ALA C 90 18.70 -1.39 2.14
C ALA C 90 19.04 0.08 1.89
N SER C 91 20.32 0.43 2.05
CA SER C 91 20.76 1.80 1.80
C SER C 91 20.30 2.31 0.44
N LYS C 92 20.48 1.50 -0.61
CA LYS C 92 20.02 1.88 -1.93
C LYS C 92 18.51 2.09 -1.95
N ASP C 93 17.75 1.20 -1.30
CA ASP C 93 16.30 1.31 -1.36
C ASP C 93 15.80 2.56 -0.62
N ILE C 94 16.25 2.78 0.63
CA ILE C 94 15.85 3.98 1.36
C ILE C 94 16.23 5.23 0.59
N ARG C 95 17.50 5.35 0.17
CA ARG C 95 17.97 6.56 -0.47
C ARG C 95 17.15 6.92 -1.71
N GLN C 96 16.89 5.94 -2.57
CA GLN C 96 16.21 6.26 -3.83
C GLN C 96 14.72 6.50 -3.62
N ALA C 97 14.08 5.69 -2.77
CA ALA C 97 12.70 5.95 -2.36
C ALA C 97 12.51 7.38 -1.87
N LEU C 98 13.42 7.84 -1.00
CA LEU C 98 13.28 9.11 -0.31
C LEU C 98 13.33 10.30 -1.26
N LYS C 99 14.27 10.29 -2.21
CA LYS C 99 14.34 11.39 -3.16
C LYS C 99 13.22 11.35 -4.20
N SER C 100 12.53 10.21 -4.32
CA SER C 100 11.39 10.11 -5.23
C SER C 100 10.08 10.54 -4.59
N PHE C 101 10.09 10.94 -3.32
CA PHE C 101 8.88 11.46 -2.67
C PHE C 101 8.55 12.89 -3.11
N ALA C 102 9.56 13.66 -3.51
CA ALA C 102 9.39 15.06 -3.86
C ALA C 102 8.30 15.25 -4.91
N GLY C 103 7.36 16.16 -4.64
CA GLY C 103 6.27 16.38 -5.56
C GLY C 103 5.11 15.41 -5.49
N LYS C 104 5.25 14.29 -4.79
CA LYS C 104 4.14 13.36 -4.66
C LYS C 104 3.02 13.96 -3.81
N GLU C 105 1.79 13.63 -4.18
CA GLU C 105 0.59 14.22 -3.58
C GLU C 105 -0.43 13.15 -3.24
N VAL C 106 -1.33 13.49 -2.31
CA VAL C 106 -2.32 12.55 -1.79
C VAL C 106 -3.68 13.21 -1.91
N VAL C 107 -4.68 12.46 -2.36
CA VAL C 107 -6.01 13.01 -2.57
C VAL C 107 -7.02 12.22 -1.75
N PHE C 108 -7.78 12.93 -0.91
CA PHE C 108 -8.91 12.37 -0.18
C PHE C 108 -10.21 12.93 -0.74
N TYR C 109 -11.10 12.05 -1.19
CA TYR C 109 -12.28 12.48 -1.92
C TYR C 109 -13.45 12.74 -0.96
N GLU C 122 -9.49 16.93 -2.00
CA GLU C 122 -8.44 17.66 -1.29
C GLU C 122 -7.08 16.99 -1.48
N SER C 123 -6.10 17.76 -1.95
CA SER C 123 -4.77 17.26 -2.28
C SER C 123 -3.71 17.78 -1.30
N PHE C 124 -2.78 16.90 -0.91
CA PHE C 124 -1.71 17.25 0.02
C PHE C 124 -0.40 16.65 -0.45
N PRO C 125 0.71 17.33 -0.15
CA PRO C 125 2.04 16.72 -0.31
C PRO C 125 2.42 15.86 0.89
N TRP C 126 3.15 14.78 0.60
CA TRP C 126 3.61 13.93 1.70
C TRP C 126 4.63 14.64 2.57
N PHE C 127 5.66 15.20 1.94
CA PHE C 127 6.77 15.84 2.64
C PHE C 127 6.77 17.35 2.44
N ILE C 128 7.17 18.08 3.48
CA ILE C 128 7.28 19.53 3.36
C ILE C 128 8.72 20.01 3.52
N LYS C 129 9.68 19.08 3.62
CA LYS C 129 11.09 19.41 3.68
C LYS C 129 11.89 18.21 3.19
N PRO C 130 13.02 18.42 2.53
CA PRO C 130 13.86 17.29 2.11
C PRO C 130 14.36 16.49 3.30
N ALA C 131 14.60 15.21 3.06
CA ALA C 131 15.27 14.34 4.02
C ALA C 131 16.74 14.75 4.19
N HIS C 132 17.31 14.32 5.30
CA HIS C 132 18.72 14.60 5.57
C HIS C 132 19.24 13.60 6.58
N SER C 133 20.55 13.38 6.54
CA SER C 133 21.22 12.40 7.40
C SER C 133 22.13 13.08 8.41
N PRO C 134 21.74 13.18 9.68
CA PRO C 134 22.70 13.70 10.67
C PRO C 134 23.83 12.73 10.93
N SER C 135 23.54 11.44 11.02
CA SER C 135 24.53 10.41 11.32
C SER C 135 24.52 9.34 10.26
N ARG C 136 25.66 8.66 10.14
CA ARG C 136 25.80 7.53 9.21
C ARG C 136 24.85 6.40 9.59
N GLY C 137 24.04 5.96 8.63
CA GLY C 137 23.07 4.92 8.89
C GLY C 137 21.76 5.40 9.45
N LEU C 138 21.48 6.70 9.38
CA LEU C 138 20.35 7.32 10.04
C LEU C 138 19.76 8.36 9.11
N TYR C 139 18.45 8.35 8.95
CA TYR C 139 17.75 9.33 8.15
C TYR C 139 16.66 9.98 8.97
N SER C 140 16.49 11.29 8.79
CA SER C 140 15.44 12.07 9.46
C SER C 140 14.50 12.63 8.41
N VAL C 141 13.19 12.48 8.65
CA VAL C 141 12.18 12.83 7.66
C VAL C 141 11.10 13.68 8.31
N HIS C 142 10.49 14.56 7.51
CA HIS C 142 9.49 15.52 7.96
C HIS C 142 8.15 15.27 7.26
N ILE C 143 7.29 14.44 7.86
CA ILE C 143 5.95 14.22 7.31
C ILE C 143 5.07 15.44 7.52
N ASN C 144 4.27 15.78 6.51
CA ASN C 144 3.26 16.83 6.58
C ASN C 144 2.38 16.59 7.80
N PRO C 145 2.49 17.42 8.84
CA PRO C 145 1.65 17.22 10.04
C PRO C 145 0.15 17.23 9.79
N TYR C 146 -0.31 17.84 8.70
CA TYR C 146 -1.73 17.77 8.34
C TYR C 146 -2.19 16.39 7.92
N LEU C 147 -1.27 15.45 7.70
CA LEU C 147 -1.67 14.09 7.37
C LEU C 147 -2.01 13.27 8.62
N ILE C 148 -1.54 13.71 9.80
CA ILE C 148 -1.75 12.95 11.04
C ILE C 148 -3.19 12.50 11.25
N PRO C 149 -4.20 13.38 11.21
CA PRO C 149 -5.57 12.92 11.51
C PRO C 149 -6.10 11.88 10.54
N PHE C 150 -5.59 11.88 9.31
CA PHE C 150 -5.96 10.87 8.33
C PHE C 150 -5.33 9.52 8.68
N PHE C 151 -4.24 9.54 9.45
CA PHE C 151 -3.57 8.31 9.86
C PHE C 151 -4.32 7.62 10.98
N ILE C 152 -4.84 8.38 11.95
CA ILE C 152 -5.49 7.81 13.12
C ILE C 152 -6.95 8.23 13.16
N ARG C 157 -13.84 2.33 12.32
CA ARG C 157 -13.71 2.78 10.94
C ARG C 157 -12.25 2.76 10.50
N PHE C 158 -11.62 1.59 10.61
CA PHE C 158 -10.18 1.45 10.45
C PHE C 158 -9.82 0.09 9.85
N THR C 159 -8.59 0.00 9.35
CA THR C 159 -8.03 -1.18 8.69
C THR C 159 -6.81 -1.67 9.44
N GLN C 160 -6.64 -3.00 9.53
CA GLN C 160 -5.52 -3.57 10.27
C GLN C 160 -5.03 -4.89 9.68
N PHE C 161 -3.71 -5.09 9.76
CA PHE C 161 -3.01 -6.25 9.23
C PHE C 161 -1.62 -6.32 9.89
N ARG C 162 -1.10 -7.53 10.05
CA ARG C 162 0.27 -7.70 10.54
C ARG C 162 1.29 -7.53 9.41
N LEU C 163 2.47 -7.02 9.76
CA LEU C 163 3.43 -6.63 8.73
C LEU C 163 3.96 -7.85 7.97
N SER C 164 4.03 -9.00 8.63
CA SER C 164 4.43 -10.22 7.96
C SER C 164 3.49 -10.62 6.83
N GLU C 165 2.24 -10.14 6.86
CA GLU C 165 1.30 -10.46 5.78
C GLU C 165 1.71 -9.82 4.46
N THR C 166 2.38 -8.67 4.48
CA THR C 166 2.63 -7.91 3.26
C THR C 166 4.10 -7.82 2.86
N LYS C 167 5.02 -8.30 3.69
CA LYS C 167 6.43 -7.98 3.48
C LYS C 167 7.08 -8.78 2.36
N GLU C 168 6.41 -9.81 1.83
CA GLU C 168 6.93 -10.52 0.66
C GLU C 168 6.31 -10.07 -0.65
N ILE C 169 5.25 -9.25 -0.61
CA ILE C 169 4.63 -8.75 -1.83
C ILE C 169 5.59 -7.84 -2.59
N THR C 170 5.62 -7.99 -3.91
CA THR C 170 6.51 -7.17 -4.75
C THR C 170 5.77 -6.05 -5.50
N ASN C 171 4.64 -6.35 -6.12
CA ASN C 171 3.94 -5.35 -6.91
C ASN C 171 3.18 -4.40 -6.00
N PRO C 172 3.40 -3.09 -6.09
CA PRO C 172 2.73 -2.17 -5.17
C PRO C 172 1.22 -2.12 -5.34
N TYR C 173 0.72 -2.31 -6.56
CA TYR C 173 -0.72 -2.36 -6.76
C TYR C 173 -1.35 -3.55 -6.03
N ALA C 174 -0.60 -4.65 -5.91
CA ALA C 174 -1.08 -5.80 -5.15
C ALA C 174 -1.04 -5.56 -3.65
N MET C 175 -0.06 -4.80 -3.17
CA MET C 175 -0.08 -4.32 -1.80
C MET C 175 -1.32 -3.47 -1.51
N ARG C 176 -1.77 -2.69 -2.49
N ARG C 176 -1.78 -2.70 -2.48
CA ARG C 176 -2.96 -1.87 -2.29
CA ARG C 176 -2.96 -1.88 -2.26
C ARG C 176 -4.24 -2.70 -2.29
C ARG C 176 -4.24 -2.70 -2.29
N LEU C 177 -4.26 -3.78 -3.09
CA LEU C 177 -5.42 -4.64 -3.09
C LEU C 177 -5.57 -5.37 -1.76
N TYR C 178 -4.45 -5.87 -1.21
CA TYR C 178 -4.54 -6.59 0.05
C TYR C 178 -4.93 -5.64 1.18
N GLU C 179 -4.54 -4.36 1.07
CA GLU C 179 -4.93 -3.38 2.08
C GLU C 179 -6.41 -3.06 1.97
N SER C 180 -6.97 -3.16 0.76
N SER C 180 -6.97 -3.15 0.76
CA SER C 180 -8.38 -2.83 0.56
CA SER C 180 -8.38 -2.83 0.55
C SER C 180 -9.29 -3.99 0.89
C SER C 180 -9.27 -3.99 0.95
N LEU C 181 -8.80 -5.23 0.79
CA LEU C 181 -9.60 -6.38 1.20
C LEU C 181 -9.66 -6.50 2.71
N CYS C 182 -8.55 -6.20 3.39
CA CYS C 182 -8.50 -6.25 4.85
C CYS C 182 -9.54 -5.32 5.45
N GLN C 183 -9.77 -4.15 4.83
CA GLN C 183 -10.77 -3.22 5.32
C GLN C 183 -12.13 -3.87 5.56
N TYR C 184 -12.42 -4.96 4.86
CA TYR C 184 -13.70 -5.66 4.99
C TYR C 184 -13.59 -7.03 5.64
N ARG C 185 -12.41 -7.39 6.15
CA ARG C 185 -12.20 -8.73 6.67
C ARG C 185 -12.95 -8.94 7.98
N LYS C 186 -13.38 -10.18 8.22
CA LYS C 186 -14.02 -10.54 9.46
C LYS C 186 -13.02 -11.13 10.43
N PRO C 187 -13.34 -11.12 11.75
CA PRO C 187 -12.44 -11.73 12.77
C PRO C 187 -11.87 -13.08 12.38
N ASP C 188 -12.74 -13.98 11.90
CA ASP C 188 -12.31 -15.33 11.56
C ASP C 188 -11.37 -15.33 10.37
N GLY C 189 -11.50 -14.36 9.47
CA GLY C 189 -10.48 -14.14 8.48
C GLY C 189 -11.02 -14.11 7.06
N SER C 190 -12.35 -14.11 6.91
CA SER C 190 -12.95 -14.13 5.59
C SER C 190 -13.68 -12.82 5.31
N GLY C 191 -14.01 -12.60 4.05
CA GLY C 191 -14.82 -11.46 3.64
C GLY C 191 -15.11 -11.52 2.16
N ILE C 192 -15.97 -10.61 1.71
CA ILE C 192 -16.36 -10.50 0.30
C ILE C 192 -16.76 -9.05 0.02
N VAL C 193 -16.28 -8.49 -1.10
CA VAL C 193 -16.53 -7.08 -1.41
C VAL C 193 -16.49 -6.86 -2.92
N SER C 194 -17.32 -5.91 -3.38
CA SER C 194 -17.40 -5.51 -4.79
C SER C 194 -16.85 -4.12 -5.00
N LEU C 195 -15.78 -4.02 -5.79
CA LEU C 195 -15.11 -2.76 -6.14
C LEU C 195 -15.36 -2.37 -7.60
N LYS C 196 -15.63 -1.09 -7.83
CA LYS C 196 -15.89 -0.59 -9.18
C LYS C 196 -14.58 -0.38 -9.93
N ILE C 197 -14.58 -0.72 -11.22
CA ILE C 197 -13.34 -0.72 -11.99
C ILE C 197 -12.82 0.71 -12.16
N ASP C 198 -13.69 1.65 -12.51
CA ASP C 198 -13.26 3.04 -12.63
C ASP C 198 -12.69 3.55 -11.32
N TRP C 199 -13.32 3.16 -10.20
CA TRP C 199 -12.83 3.56 -8.88
C TRP C 199 -11.50 2.90 -8.55
N ILE C 200 -11.32 1.64 -8.98
CA ILE C 200 -10.01 1.00 -8.86
C ILE C 200 -8.96 1.80 -9.62
N ILE C 201 -9.30 2.26 -10.81
CA ILE C 201 -8.33 2.94 -11.65
C ILE C 201 -7.94 4.28 -11.04
N GLU C 202 -8.92 5.00 -10.48
N GLU C 202 -8.92 5.01 -10.48
CA GLU C 202 -8.63 6.29 -9.87
CA GLU C 202 -8.66 6.29 -9.86
C GLU C 202 -7.85 6.14 -8.57
C GLU C 202 -7.87 6.15 -8.58
N ARG C 203 -8.33 5.27 -7.68
CA ARG C 203 -7.75 5.20 -6.34
C ARG C 203 -6.33 4.68 -6.39
N TYR C 204 -6.07 3.62 -7.17
CA TYR C 204 -4.73 3.05 -7.23
C TYR C 204 -3.86 3.71 -8.27
N GLN C 205 -4.44 4.58 -9.10
N GLN C 205 -4.43 4.56 -9.13
CA GLN C 205 -3.77 5.22 -10.23
CA GLN C 205 -3.71 5.23 -10.20
C GLN C 205 -2.97 4.21 -11.04
C GLN C 205 -2.95 4.23 -11.07
N LEU C 206 -3.71 3.31 -11.66
CA LEU C 206 -3.14 2.41 -12.64
C LEU C 206 -2.76 3.23 -13.87
N PRO C 207 -1.73 2.82 -14.62
CA PRO C 207 -1.33 3.63 -15.76
C PRO C 207 -2.36 3.52 -16.87
N GLN C 208 -2.29 4.49 -17.79
CA GLN C 208 -3.42 4.78 -18.66
C GLN C 208 -3.78 3.62 -19.60
N SER C 209 -2.77 2.87 -20.06
CA SER C 209 -3.06 1.77 -20.99
C SER C 209 -3.86 0.63 -20.38
N TYR C 210 -4.05 0.61 -19.07
CA TYR C 210 -4.87 -0.42 -18.42
C TYR C 210 -6.36 -0.08 -18.45
N GLN C 211 -6.73 1.03 -19.07
CA GLN C 211 -8.12 1.28 -19.44
C GLN C 211 -8.61 0.38 -20.57
N ARG C 212 -7.71 -0.33 -21.25
CA ARG C 212 -8.12 -1.41 -22.14
C ARG C 212 -8.20 -2.68 -21.28
N MET C 213 -9.42 -3.21 -21.17
CA MET C 213 -9.68 -4.28 -20.21
C MET C 213 -8.79 -5.52 -20.37
N PRO C 214 -8.48 -6.00 -21.59
CA PRO C 214 -7.59 -7.18 -21.68
C PRO C 214 -6.20 -6.94 -21.14
N ASP C 215 -5.67 -5.71 -21.25
CA ASP C 215 -4.38 -5.44 -20.63
C ASP C 215 -4.53 -5.36 -19.12
N PHE C 216 -5.64 -4.80 -18.65
CA PHE C 216 -5.98 -4.78 -17.23
C PHE C 216 -5.96 -6.19 -16.64
N ARG C 217 -6.66 -7.12 -17.29
CA ARG C 217 -6.67 -8.51 -16.86
C ARG C 217 -5.26 -9.10 -16.81
N ARG C 218 -4.50 -8.96 -17.89
CA ARG C 218 -3.30 -9.76 -18.03
C ARG C 218 -2.16 -9.23 -17.15
N ARG C 219 -2.00 -7.91 -17.07
CA ARG C 219 -0.84 -7.32 -16.42
C ARG C 219 -1.10 -6.81 -15.01
N PHE C 220 -2.37 -6.68 -14.60
CA PHE C 220 -2.67 -6.22 -13.24
C PHE C 220 -3.46 -7.25 -12.43
N LEU C 221 -4.67 -7.59 -12.87
CA LEU C 221 -5.57 -8.41 -12.06
C LEU C 221 -4.99 -9.80 -11.82
N GLN C 222 -4.68 -10.54 -12.88
CA GLN C 222 -4.21 -11.91 -12.71
C GLN C 222 -2.92 -11.96 -11.90
N VAL C 223 -2.00 -11.02 -12.14
CA VAL C 223 -0.71 -11.05 -11.46
C VAL C 223 -0.90 -10.78 -9.96
N CYS C 224 -1.75 -9.81 -9.62
CA CYS C 224 -1.90 -9.41 -8.22
C CYS C 224 -2.70 -10.44 -7.44
N VAL C 225 -3.67 -11.11 -8.09
CA VAL C 225 -4.35 -12.23 -7.46
C VAL C 225 -3.38 -13.39 -7.23
N ASN C 226 -2.48 -13.65 -8.18
N ASN C 226 -2.50 -13.64 -8.20
CA ASN C 226 -1.57 -14.77 -8.06
CA ASN C 226 -1.56 -14.75 -8.09
C ASN C 226 -0.60 -14.58 -6.90
C ASN C 226 -0.61 -14.58 -6.91
N GLU C 227 0.04 -13.41 -6.83
CA GLU C 227 0.99 -13.14 -5.74
C GLU C 227 0.33 -13.31 -4.37
N ILE C 228 -0.84 -12.69 -4.17
CA ILE C 228 -1.53 -12.80 -2.89
C ILE C 228 -1.70 -14.27 -2.49
N ASN C 229 -2.17 -15.09 -3.43
CA ASN C 229 -2.34 -16.51 -3.18
C ASN C 229 -1.02 -17.22 -2.94
N SER C 230 0.10 -16.66 -3.41
CA SER C 230 1.41 -17.30 -3.27
C SER C 230 2.25 -16.73 -2.13
N ARG C 231 1.91 -15.54 -1.64
CA ARG C 231 2.78 -14.78 -0.75
C ARG C 231 2.10 -14.37 0.54
N THR C 232 0.78 -14.59 0.69
CA THR C 232 0.06 -14.26 1.92
C THR C 232 -0.62 -15.50 2.49
N PRO C 233 -1.14 -15.45 3.72
CA PRO C 233 -1.94 -16.56 4.24
C PRO C 233 -3.39 -16.59 3.81
N MET C 234 -3.81 -15.76 2.86
N MET C 234 -3.77 -15.79 2.81
CA MET C 234 -5.19 -15.75 2.43
CA MET C 234 -5.14 -15.65 2.36
C MET C 234 -5.34 -16.38 1.06
C MET C 234 -5.34 -16.34 1.02
N ARG C 235 -6.55 -16.85 0.79
CA ARG C 235 -6.89 -17.57 -0.43
C ARG C 235 -8.05 -16.85 -1.11
N LEU C 236 -7.79 -16.32 -2.31
CA LEU C 236 -8.61 -15.30 -2.94
C LEU C 236 -9.12 -15.84 -4.28
N SER C 237 -10.39 -15.58 -4.57
CA SER C 237 -11.02 -15.89 -5.85
C SER C 237 -11.83 -14.69 -6.32
N TYR C 238 -12.28 -14.73 -7.57
CA TYR C 238 -13.04 -13.58 -8.07
C TYR C 238 -13.94 -14.02 -9.21
N ILE C 239 -14.85 -13.11 -9.56
CA ILE C 239 -15.77 -13.24 -10.69
C ILE C 239 -16.06 -11.83 -11.20
N GLU C 240 -16.38 -11.74 -12.49
CA GLU C 240 -16.57 -10.47 -13.15
C GLU C 240 -18.05 -10.10 -13.20
N LYS C 241 -18.38 -8.84 -12.94
CA LYS C 241 -19.75 -8.37 -13.07
C LYS C 241 -19.84 -7.56 -14.34
N LYS C 242 -20.86 -7.83 -15.16
CA LYS C 242 -21.03 -7.18 -16.44
C LYS C 242 -22.35 -6.43 -16.51
N LYS C 243 -22.39 -5.48 -17.42
CA LYS C 243 -23.59 -4.74 -17.79
C LYS C 243 -23.46 -4.55 -19.29
N GLY C 244 -24.26 -5.31 -20.05
CA GLY C 244 -24.06 -5.35 -21.48
C GLY C 244 -22.74 -6.03 -21.81
N ARG C 245 -21.95 -5.41 -22.68
CA ARG C 245 -20.62 -5.89 -23.02
C ARG C 245 -19.53 -5.42 -22.06
N GLN C 246 -19.80 -4.40 -21.26
CA GLN C 246 -18.79 -3.81 -20.39
C GLN C 246 -18.71 -4.53 -19.05
N THR C 247 -17.48 -4.70 -18.56
CA THR C 247 -17.25 -5.21 -17.22
C THR C 247 -17.16 -3.99 -16.31
N THR C 248 -17.99 -3.97 -15.26
CA THR C 248 -18.14 -2.78 -14.43
C THR C 248 -17.56 -2.90 -13.04
N HIS C 249 -17.65 -4.06 -12.41
CA HIS C 249 -17.10 -4.26 -11.08
C HIS C 249 -16.32 -5.56 -11.06
N ILE C 250 -15.50 -5.72 -10.03
CA ILE C 250 -14.84 -6.98 -9.74
C ILE C 250 -15.23 -7.42 -8.33
N VAL C 251 -15.64 -8.68 -8.19
CA VAL C 251 -16.14 -9.23 -6.93
C VAL C 251 -15.11 -10.18 -6.34
N PHE C 252 -14.58 -9.84 -5.17
CA PHE C 252 -13.52 -10.58 -4.50
C PHE C 252 -14.12 -11.38 -3.33
N SER C 253 -13.74 -12.66 -3.26
CA SER C 253 -14.02 -13.49 -2.08
C SER C 253 -12.72 -14.02 -1.48
N PHE C 254 -12.66 -14.12 -0.15
CA PHE C 254 -11.46 -14.60 0.51
C PHE C 254 -11.77 -15.26 1.85
N ARG C 255 -10.85 -16.13 2.27
CA ARG C 255 -10.84 -16.79 3.57
C ARG C 255 -9.42 -16.76 4.12
N ASP C 256 -9.26 -17.22 5.36
CA ASP C 256 -7.96 -17.24 6.01
C ASP C 256 -7.43 -18.67 6.06
N ILE C 257 -6.12 -18.80 5.89
CA ILE C 257 -5.43 -20.08 5.91
C ILE C 257 -6.06 -21.07 4.91
MG MG D . 16.04 -2.99 -4.32
#